data_4IF7
#
_entry.id   4IF7
#
_cell.length_a   49.380
_cell.length_b   48.216
_cell.length_c   56.400
_cell.angle_alpha   90.00
_cell.angle_beta   95.25
_cell.angle_gamma   90.00
#
_symmetry.space_group_name_H-M   'P 1 21 1'
#
loop_
_entity.id
_entity.type
_entity.pdbx_description
1 polymer 'Methionine aminopeptidase 2'
2 non-polymer 'COBALT (II) ION'
3 non-polymer '(2S)-2-amino-4-(methyldisulfanyl)butanoic acid'
4 water water
#
_entity_poly.entity_id   1
_entity_poly.type   'polypeptide(L)'
_entity_poly.pdbx_seq_one_letter_code
;HHHHHHMPSRTALSPGVLSPTRPVPNWIARPEYVGKPAAQEGSEPWVQTPEVIEKMRVAGRIAAGALAEAGKAVAPGVTT
DELDRIAHEYLVDNGAYPSTLGYKGFPKSCCTSLNEVICHGIPDSTVITDGDIVNIDVTAYIGGVHGDTNATFPAGDVAD
EHRLLVDRTREATMRAINTVKPGRALSVIGRVIESYANRFGYNVVRDFTGHGIGTTFHNGLVVLHYDQPAVETIMQPGMT
FTIEPMINLGALDYEIWDDGWTVVTKDRKWTAQFEHTLLVTDTGVEILT(SCH)L
;
_entity_poly.pdbx_strand_id   A
#
loop_
_chem_comp.id
_chem_comp.type
_chem_comp.name
_chem_comp.formula
CO non-polymer 'COBALT (II) ION' 'Co 2'
#
# COMPACT_ATOMS: atom_id res chain seq x y z
N ARG A 10 -14.15 19.00 -9.60
CA ARG A 10 -14.78 18.00 -8.69
C ARG A 10 -14.62 18.44 -7.23
N THR A 11 -15.69 18.41 -6.43
CA THR A 11 -15.59 18.86 -5.03
C THR A 11 -14.89 17.86 -4.12
N ALA A 12 -14.45 18.38 -2.97
CA ALA A 12 -13.87 17.59 -1.90
C ALA A 12 -14.78 16.42 -1.56
N LEU A 13 -14.14 15.31 -1.27
CA LEU A 13 -14.83 14.05 -0.95
C LEU A 13 -15.52 14.07 0.41
N SER A 14 -16.61 13.31 0.50
CA SER A 14 -17.20 13.00 1.80
C SER A 14 -17.50 11.51 1.96
N PRO A 15 -17.57 11.06 3.22
CA PRO A 15 -17.88 9.67 3.49
C PRO A 15 -19.12 9.16 2.75
N GLY A 16 -18.96 8.07 1.99
CA GLY A 16 -20.07 7.32 1.41
C GLY A 16 -20.71 6.32 2.38
N VAL A 17 -21.34 5.28 1.87
CA VAL A 17 -22.00 4.33 2.76
C VAL A 17 -21.45 2.94 2.59
N LEU A 18 -21.04 2.37 3.73
CA LEU A 18 -20.28 1.13 3.77
C LEU A 18 -21.20 -0.04 3.67
N SER A 19 -20.94 -0.95 2.74
CA SER A 19 -21.72 -2.16 2.60
C SER A 19 -21.31 -3.15 3.70
N PRO A 20 -22.15 -4.16 3.98
CA PRO A 20 -21.84 -5.10 5.09
C PRO A 20 -20.62 -6.01 4.85
N THR A 21 -20.07 -6.48 5.97
CA THR A 21 -18.84 -7.26 5.98
C THR A 21 -18.91 -8.37 4.98
N ARG A 22 -17.96 -8.40 4.06
CA ARG A 22 -17.85 -9.49 3.08
C ARG A 22 -17.39 -10.70 3.81
N PRO A 23 -17.88 -11.88 3.39
CA PRO A 23 -17.56 -13.07 4.13
C PRO A 23 -16.32 -13.68 3.55
N VAL A 24 -15.56 -14.41 4.36
CA VAL A 24 -14.49 -15.23 3.79
C VAL A 24 -14.68 -16.67 4.29
N PRO A 25 -14.49 -17.64 3.38
CA PRO A 25 -14.66 -19.04 3.66
C PRO A 25 -13.88 -19.40 4.90
N ASN A 26 -14.52 -20.19 5.75
CA ASN A 26 -14.00 -20.44 7.05
C ASN A 26 -12.79 -21.28 7.04
N TRP A 27 -12.57 -22.01 5.96
CA TRP A 27 -11.35 -22.75 5.85
C TRP A 27 -10.11 -21.87 5.64
N ILE A 28 -10.27 -20.61 5.27
CA ILE A 28 -9.08 -19.78 5.04
C ILE A 28 -8.64 -19.28 6.39
N ALA A 29 -7.38 -19.57 6.73
CA ALA A 29 -6.81 -19.16 8.02
C ALA A 29 -6.77 -17.62 8.15
N ARG A 30 -7.30 -17.13 9.26
CA ARG A 30 -7.34 -15.71 9.64
C ARG A 30 -5.99 -15.38 10.30
N PRO A 31 -5.43 -14.20 10.06
CA PRO A 31 -4.35 -13.77 10.97
C PRO A 31 -4.81 -13.68 12.40
N GLU A 32 -3.87 -13.74 13.31
CA GLU A 32 -4.24 -13.78 14.72
C GLU A 32 -5.01 -12.55 15.15
N TYR A 33 -4.81 -11.41 14.48
CA TYR A 33 -5.36 -10.12 14.95
C TYR A 33 -6.83 -9.94 14.63
N VAL A 34 -7.38 -10.85 13.83
CA VAL A 34 -8.75 -10.72 13.38
C VAL A 34 -9.78 -10.77 14.52
N GLY A 35 -10.60 -9.75 14.62
CA GLY A 35 -11.57 -9.63 15.71
C GLY A 35 -10.95 -9.26 17.06
N LYS A 36 -9.68 -8.85 17.06
CA LYS A 36 -9.06 -8.39 18.31
C LYS A 36 -8.79 -6.90 18.15
N PRO A 37 -8.67 -6.18 19.27
CA PRO A 37 -8.51 -4.73 19.15
C PRO A 37 -7.11 -4.32 18.59
N ALA A 38 -6.11 -5.16 18.83
CA ALA A 38 -4.73 -4.90 18.41
C ALA A 38 -4.15 -6.12 17.74
N ALA A 39 -3.00 -5.93 17.13
CA ALA A 39 -2.26 -7.07 16.56
C ALA A 39 -1.03 -7.38 17.38
N GLN A 40 -0.64 -8.64 17.44
CA GLN A 40 0.66 -9.01 17.97
C GLN A 40 1.71 -8.87 16.88
N GLU A 41 2.27 -7.68 16.76
CA GLU A 41 3.32 -7.43 15.76
C GLU A 41 4.18 -6.34 16.32
N GLY A 42 5.39 -6.18 15.81
CA GLY A 42 6.25 -5.10 16.26
C GLY A 42 7.59 -5.59 16.71
N SER A 43 7.71 -6.87 17.07
CA SER A 43 8.97 -7.35 17.57
C SER A 43 9.44 -8.61 16.82
N GLU A 44 9.21 -8.67 15.53
CA GLU A 44 9.56 -9.86 14.81
C GLU A 44 10.88 -9.65 14.09
N PRO A 45 11.58 -10.75 13.81
CA PRO A 45 12.90 -10.63 13.17
C PRO A 45 12.75 -10.01 11.83
N TRP A 46 13.69 -9.13 11.49
CA TRP A 46 13.70 -8.41 10.20
C TRP A 46 14.17 -9.25 9.03
N VAL A 47 15.05 -10.19 9.31
CA VAL A 47 15.53 -11.14 8.29
C VAL A 47 14.63 -12.37 8.37
N GLN A 48 14.11 -12.82 7.24
CA GLN A 48 13.21 -13.93 7.24
C GLN A 48 13.93 -15.23 6.95
N THR A 49 13.38 -16.36 7.38
CA THR A 49 13.90 -17.67 6.91
C THR A 49 13.64 -17.98 5.42
N PRO A 50 14.47 -18.86 4.82
CA PRO A 50 14.23 -19.23 3.41
C PRO A 50 12.82 -19.69 3.14
N GLU A 51 12.24 -20.38 4.10
CA GLU A 51 10.86 -20.89 3.98
C GLU A 51 9.85 -19.75 3.94
N VAL A 52 10.02 -18.78 4.82
CA VAL A 52 9.09 -17.70 4.91
C VAL A 52 9.22 -16.88 3.62
N ILE A 53 10.43 -16.69 3.14
CA ILE A 53 10.66 -15.98 1.89
C ILE A 53 9.89 -16.66 0.72
N GLU A 54 10.06 -17.96 0.55
CA GLU A 54 9.34 -18.68 -0.49
C GLU A 54 7.83 -18.51 -0.34
N LYS A 55 7.35 -18.59 0.90
CA LYS A 55 5.95 -18.35 1.14
C LYS A 55 5.50 -16.96 0.81
N MET A 56 6.39 -15.97 1.02
CA MET A 56 6.05 -14.58 0.71
C MET A 56 5.97 -14.36 -0.80
N ARG A 57 6.70 -15.13 -1.61
CA ARG A 57 6.56 -15.03 -3.06
C ARG A 57 5.13 -15.38 -3.48
N VAL A 58 4.57 -16.43 -2.87
CA VAL A 58 3.18 -16.84 -3.18
C VAL A 58 2.18 -15.80 -2.71
N ALA A 59 2.36 -15.24 -1.50
CA ALA A 59 1.47 -14.19 -1.00
C ALA A 59 1.56 -12.92 -1.86
N GLY A 60 2.78 -12.63 -2.32
CA GLY A 60 3.03 -11.43 -3.10
C GLY A 60 2.42 -11.50 -4.48
N ARG A 61 2.55 -12.64 -5.14
CA ARG A 61 1.95 -12.88 -6.44
C ARG A 61 0.45 -12.70 -6.37
N ILE A 62 -0.17 -13.32 -5.37
CA ILE A 62 -1.59 -13.31 -5.25
C ILE A 62 -2.10 -11.88 -4.97
N ALA A 63 -1.47 -11.15 -4.03
CA ALA A 63 -1.82 -9.72 -3.83
C ALA A 63 -1.61 -8.86 -5.10
N ALA A 64 -0.58 -9.14 -5.89
CA ALA A 64 -0.38 -8.48 -7.18
C ALA A 64 -1.53 -8.77 -8.13
N GLY A 65 -2.01 -10.02 -8.14
CA GLY A 65 -3.18 -10.40 -8.95
C GLY A 65 -4.44 -9.70 -8.50
N ALA A 66 -4.73 -9.71 -7.20
CA ALA A 66 -5.88 -8.99 -6.70
C ALA A 66 -5.81 -7.49 -7.07
N LEU A 67 -4.64 -6.88 -6.90
CA LEU A 67 -4.49 -5.46 -7.28
C LEU A 67 -4.80 -5.17 -8.79
N ALA A 68 -4.20 -5.94 -9.70
CA ALA A 68 -4.40 -5.75 -11.17
C ALA A 68 -5.86 -5.99 -11.60
N GLU A 69 -6.57 -6.79 -10.82
CA GLU A 69 -7.95 -7.11 -11.12
C GLU A 69 -8.84 -6.02 -10.63
N ALA A 70 -8.66 -5.56 -9.40
CA ALA A 70 -9.45 -4.41 -8.99
C ALA A 70 -9.12 -3.14 -9.84
N GLY A 71 -7.86 -2.95 -10.23
CA GLY A 71 -7.47 -1.81 -11.06
C GLY A 71 -8.10 -1.77 -12.45
N LYS A 72 -8.26 -2.95 -13.08
CA LYS A 72 -9.06 -3.10 -14.29
C LYS A 72 -10.48 -2.50 -14.20
N ALA A 73 -11.10 -2.61 -13.05
CA ALA A 73 -12.48 -2.14 -12.86
C ALA A 73 -12.51 -0.62 -12.55
N VAL A 74 -11.35 0.02 -12.46
CA VAL A 74 -11.36 1.46 -12.26
C VAL A 74 -11.84 2.20 -13.55
N ALA A 75 -12.96 2.90 -13.42
CA ALA A 75 -13.59 3.53 -14.56
C ALA A 75 -14.60 4.50 -14.02
N PRO A 76 -14.82 5.63 -14.72
CA PRO A 76 -15.88 6.53 -14.26
C PRO A 76 -17.19 5.75 -14.07
N GLY A 77 -17.82 5.94 -12.92
CA GLY A 77 -19.10 5.26 -12.64
C GLY A 77 -19.02 4.15 -11.62
N VAL A 78 -17.84 3.52 -11.49
CA VAL A 78 -17.62 2.45 -10.51
C VAL A 78 -17.55 3.03 -9.10
N THR A 79 -18.02 2.26 -8.11
CA THR A 79 -17.84 2.63 -6.70
C THR A 79 -16.56 2.01 -6.08
N THR A 80 -16.07 2.63 -5.01
CA THR A 80 -14.94 2.07 -4.29
C THR A 80 -15.35 0.72 -3.72
N ASP A 81 -16.56 0.65 -3.17
CA ASP A 81 -17.04 -0.60 -2.62
C ASP A 81 -16.91 -1.68 -3.66
N GLU A 82 -17.18 -1.36 -4.90
CA GLU A 82 -17.08 -2.32 -5.96
C GLU A 82 -15.64 -2.80 -6.20
N LEU A 83 -14.66 -1.93 -5.95
CA LEU A 83 -13.25 -2.32 -6.17
C LEU A 83 -12.91 -3.32 -5.08
N ASP A 84 -13.36 -3.03 -3.87
CA ASP A 84 -13.17 -3.96 -2.75
C ASP A 84 -13.67 -5.34 -3.04
N ARG A 85 -14.82 -5.38 -3.72
CA ARG A 85 -15.47 -6.63 -3.91
C ARG A 85 -14.67 -7.47 -4.87
N ILE A 86 -14.17 -6.85 -5.91
CA ILE A 86 -13.36 -7.56 -6.89
C ILE A 86 -12.03 -8.06 -6.27
N ALA A 87 -11.44 -7.22 -5.42
CA ALA A 87 -10.17 -7.55 -4.79
C ALA A 87 -10.39 -8.72 -3.80
N HIS A 88 -11.43 -8.57 -2.99
CA HIS A 88 -11.82 -9.58 -1.99
C HIS A 88 -12.01 -10.96 -2.66
N GLU A 89 -12.75 -10.97 -3.75
N GLU A 89 -12.80 -10.97 -3.73
CA GLU A 89 -13.11 -12.16 -4.48
CA GLU A 89 -13.12 -12.20 -4.46
C GLU A 89 -11.91 -12.86 -5.11
C GLU A 89 -11.87 -12.87 -5.06
N TYR A 90 -10.94 -12.08 -5.59
CA TYR A 90 -9.69 -12.65 -6.15
C TYR A 90 -8.79 -13.23 -5.06
N LEU A 91 -8.77 -12.62 -3.89
CA LEU A 91 -7.94 -13.17 -2.78
C LEU A 91 -8.56 -14.50 -2.29
N VAL A 92 -9.85 -14.46 -2.05
CA VAL A 92 -10.58 -15.59 -1.52
C VAL A 92 -10.52 -16.74 -2.54
N ASP A 93 -10.79 -16.47 -3.82
CA ASP A 93 -10.75 -17.56 -4.82
C ASP A 93 -9.39 -18.17 -4.89
N ASN A 94 -8.37 -17.44 -4.42
CA ASN A 94 -7.03 -18.00 -4.39
C ASN A 94 -6.54 -18.48 -3.03
N GLY A 95 -7.42 -18.58 -2.06
CA GLY A 95 -7.04 -19.13 -0.76
C GLY A 95 -6.41 -18.14 0.22
N ALA A 96 -6.29 -16.86 -0.15
CA ALA A 96 -5.68 -15.88 0.74
C ALA A 96 -6.75 -15.21 1.55
N TYR A 97 -6.42 -14.85 2.80
CA TYR A 97 -7.20 -13.94 3.61
C TYR A 97 -6.79 -12.49 3.27
N PRO A 98 -7.75 -11.55 3.14
CA PRO A 98 -7.38 -10.14 2.96
C PRO A 98 -6.91 -9.56 4.27
N SER A 99 -5.61 -9.29 4.37
CA SER A 99 -5.02 -8.89 5.66
C SER A 99 -5.66 -7.67 6.30
N THR A 100 -6.20 -6.76 5.49
CA THR A 100 -6.79 -5.50 6.00
C THR A 100 -8.09 -5.72 6.78
N LEU A 101 -8.74 -6.86 6.50
CA LEU A 101 -10.05 -7.17 7.00
C LEU A 101 -10.01 -7.59 8.45
N GLY A 102 -10.50 -6.70 9.29
CA GLY A 102 -10.48 -6.92 10.73
C GLY A 102 -9.13 -6.60 11.38
N TYR A 103 -8.23 -5.99 10.62
CA TYR A 103 -7.00 -5.45 11.18
C TYR A 103 -7.26 -4.16 11.99
N LYS A 104 -7.14 -4.21 13.31
CA LYS A 104 -7.44 -3.05 14.17
C LYS A 104 -8.79 -2.44 13.84
N GLY A 105 -9.76 -3.30 13.51
CA GLY A 105 -11.09 -2.82 13.20
C GLY A 105 -11.30 -2.26 11.82
N PHE A 106 -10.30 -2.32 10.93
CA PHE A 106 -10.59 -1.96 9.54
C PHE A 106 -11.64 -2.91 8.91
N PRO A 107 -12.67 -2.35 8.21
CA PRO A 107 -13.86 -3.14 7.80
C PRO A 107 -13.85 -3.71 6.40
N LYS A 108 -12.84 -3.41 5.60
CA LYS A 108 -12.82 -3.88 4.21
C LYS A 108 -11.55 -4.62 3.87
N SER A 109 -11.50 -5.14 2.65
CA SER A 109 -10.45 -6.03 2.23
C SER A 109 -9.31 -5.39 1.42
N CYS A 110 -9.35 -4.07 1.30
CA CYS A 110 -8.35 -3.26 0.61
C CYS A 110 -8.59 -1.81 1.00
N CYS A 111 -7.65 -0.92 0.77
CA CYS A 111 -7.91 0.53 0.98
C CYS A 111 -8.04 1.17 -0.38
N THR A 112 -9.06 2.03 -0.52
CA THR A 112 -9.37 2.76 -1.73
C THR A 112 -9.21 4.27 -1.50
N SER A 113 -8.34 4.92 -2.26
CA SER A 113 -7.87 6.26 -1.86
C SER A 113 -7.91 7.24 -3.03
N LEU A 114 -9.04 7.92 -3.15
CA LEU A 114 -9.31 8.81 -4.28
C LEU A 114 -8.65 10.16 -4.05
N ASN A 115 -8.11 10.71 -5.14
CA ASN A 115 -7.73 12.13 -5.20
C ASN A 115 -7.05 12.63 -3.95
N GLU A 116 -7.69 13.53 -3.20
CA GLU A 116 -7.07 14.12 -2.03
C GLU A 116 -6.92 13.19 -0.81
N VAL A 117 -7.39 11.94 -0.88
CA VAL A 117 -7.12 10.98 0.17
C VAL A 117 -5.68 10.43 0.02
N ILE A 118 -4.90 10.64 1.07
CA ILE A 118 -3.51 10.24 1.18
C ILE A 118 -3.41 8.75 1.25
N CYS A 119 -4.19 8.19 2.15
CA CYS A 119 -4.19 6.76 2.41
C CYS A 119 -5.31 6.34 3.34
N HIS A 120 -5.56 5.03 3.31
CA HIS A 120 -6.38 4.29 4.29
C HIS A 120 -7.89 4.53 4.10
N GLY A 121 -8.24 4.97 2.89
CA GLY A 121 -9.60 5.20 2.56
C GLY A 121 -10.37 3.89 2.63
N ILE A 122 -11.64 3.99 2.99
CA ILE A 122 -12.50 2.81 3.10
C ILE A 122 -13.40 2.66 1.89
N PRO A 123 -13.31 1.50 1.19
CA PRO A 123 -14.26 1.15 0.16
C PRO A 123 -15.72 1.38 0.57
N ASP A 124 -16.45 2.13 -0.27
CA ASP A 124 -17.84 2.51 0.02
C ASP A 124 -18.69 2.86 -1.24
N SER A 125 -19.81 3.57 -1.01
CA SER A 125 -20.77 3.90 -2.08
C SER A 125 -20.23 4.99 -3.02
N THR A 126 -19.21 5.74 -2.57
CA THR A 126 -18.47 6.70 -3.43
C THR A 126 -18.30 6.24 -4.86
N VAL A 127 -18.76 7.10 -5.77
CA VAL A 127 -18.76 6.80 -7.18
C VAL A 127 -17.61 7.58 -7.81
N ILE A 128 -16.76 6.86 -8.50
CA ILE A 128 -15.64 7.44 -9.24
C ILE A 128 -16.10 8.24 -10.47
N THR A 129 -15.59 9.47 -10.60
CA THR A 129 -16.01 10.36 -11.68
C THR A 129 -14.84 10.56 -12.60
N ASP A 130 -15.12 10.96 -13.83
CA ASP A 130 -14.09 11.11 -14.84
C ASP A 130 -13.05 12.16 -14.36
N GLY A 131 -11.78 11.88 -14.61
CA GLY A 131 -10.67 12.70 -14.13
C GLY A 131 -10.07 12.29 -12.78
N ASP A 132 -10.72 11.34 -12.08
CA ASP A 132 -10.27 10.97 -10.74
C ASP A 132 -9.03 10.06 -10.83
N ILE A 133 -8.26 10.05 -9.75
CA ILE A 133 -7.23 9.05 -9.53
C ILE A 133 -7.54 8.27 -8.27
N VAL A 134 -7.32 6.97 -8.34
CA VAL A 134 -7.64 6.11 -7.21
C VAL A 134 -6.51 5.13 -6.92
N ASN A 135 -6.06 5.16 -5.68
CA ASN A 135 -5.13 4.16 -5.15
C ASN A 135 -5.91 3.01 -4.61
N ILE A 136 -5.51 1.81 -5.03
CA ILE A 136 -6.02 0.57 -4.41
C ILE A 136 -4.86 -0.11 -3.66
N ASP A 137 -5.05 -0.40 -2.39
CA ASP A 137 -4.03 -1.03 -1.57
C ASP A 137 -4.59 -2.34 -1.04
N VAL A 138 -3.89 -3.42 -1.34
CA VAL A 138 -4.34 -4.78 -1.10
C VAL A 138 -3.23 -5.57 -0.43
N THR A 139 -3.59 -6.36 0.55
CA THR A 139 -2.65 -7.23 1.21
C THR A 139 -3.26 -8.64 1.32
N ALA A 140 -2.48 -9.63 0.90
CA ALA A 140 -2.79 -11.07 1.04
C ALA A 140 -2.08 -11.78 2.22
N TYR A 141 -2.83 -12.59 2.99
CA TYR A 141 -2.28 -13.49 3.99
C TYR A 141 -2.52 -14.95 3.58
N ILE A 142 -1.44 -15.66 3.26
CA ILE A 142 -1.53 -17.09 2.93
C ILE A 142 -0.22 -17.75 3.33
N GLY A 143 -0.33 -18.99 3.79
CA GLY A 143 0.76 -19.74 4.40
C GLY A 143 1.41 -19.01 5.57
N GLY A 144 0.61 -18.36 6.43
CA GLY A 144 1.16 -17.77 7.61
C GLY A 144 2.01 -16.54 7.30
N VAL A 145 1.91 -16.05 6.08
CA VAL A 145 2.65 -14.80 5.68
C VAL A 145 1.83 -13.79 4.88
N HIS A 146 2.34 -12.55 4.85
CA HIS A 146 1.70 -11.42 4.19
C HIS A 146 2.46 -10.94 2.96
N GLY A 147 1.69 -10.38 2.02
CA GLY A 147 2.24 -9.75 0.77
C GLY A 147 1.45 -8.48 0.44
N ASP A 148 2.15 -7.36 0.27
CA ASP A 148 1.51 -6.03 0.31
C ASP A 148 1.92 -5.14 -0.90
N THR A 149 0.92 -4.65 -1.64
CA THR A 149 1.15 -3.90 -2.83
C THR A 149 -0.04 -2.98 -3.15
N ASN A 150 0.27 -1.82 -3.72
CA ASN A 150 -0.73 -0.80 -4.06
C ASN A 150 -0.29 0.00 -5.30
N ALA A 151 -1.26 0.71 -5.88
CA ALA A 151 -1.07 1.43 -7.11
C ALA A 151 -2.23 2.41 -7.33
N THR A 152 -1.91 3.49 -8.03
CA THR A 152 -2.87 4.54 -8.30
C THR A 152 -3.23 4.42 -9.78
N PHE A 153 -4.52 4.49 -10.04
CA PHE A 153 -5.08 4.18 -11.35
C PHE A 153 -5.85 5.42 -11.77
N PRO A 154 -5.69 5.85 -13.04
CA PRO A 154 -6.43 7.02 -13.56
C PRO A 154 -7.83 6.61 -14.05
N ALA A 155 -8.85 7.47 -13.83
CA ALA A 155 -10.28 7.18 -14.13
C ALA A 155 -10.78 8.07 -15.23
N GLY A 156 -10.85 7.50 -16.42
CA GLY A 156 -11.18 8.25 -17.62
C GLY A 156 -10.12 9.32 -17.87
N ASP A 157 -10.57 10.56 -17.94
CA ASP A 157 -9.81 11.67 -18.55
C ASP A 157 -9.16 12.55 -17.49
N VAL A 158 -7.95 12.19 -17.14
CA VAL A 158 -7.30 12.75 -15.98
C VAL A 158 -6.51 14.00 -16.41
N ALA A 159 -6.53 15.07 -15.60
CA ALA A 159 -5.75 16.27 -15.96
C ALA A 159 -4.24 15.97 -16.03
N ASP A 160 -3.53 16.59 -16.95
CA ASP A 160 -2.09 16.40 -17.07
C ASP A 160 -1.37 16.47 -15.72
N GLU A 161 -1.66 17.47 -14.90
CA GLU A 161 -0.91 17.53 -13.64
C GLU A 161 -1.05 16.27 -12.78
N HIS A 162 -2.20 15.61 -12.88
CA HIS A 162 -2.47 14.39 -12.11
C HIS A 162 -1.87 13.11 -12.71
N ARG A 163 -1.89 12.95 -14.05
CA ARG A 163 -1.10 11.91 -14.74
C ARG A 163 0.41 11.99 -14.44
N LEU A 164 0.94 13.21 -14.43
CA LEU A 164 2.36 13.37 -14.20
C LEU A 164 2.65 13.00 -12.76
N LEU A 165 1.74 13.33 -11.84
CA LEU A 165 1.96 13.01 -10.43
C LEU A 165 2.04 11.49 -10.24
N VAL A 166 1.09 10.81 -10.86
CA VAL A 166 1.01 9.37 -10.80
C VAL A 166 2.24 8.74 -11.40
N ASP A 167 2.67 9.22 -12.57
CA ASP A 167 3.78 8.66 -13.30
C ASP A 167 5.06 8.87 -12.52
N ARG A 168 5.16 10.03 -11.86
CA ARG A 168 6.37 10.35 -11.13
C ARG A 168 6.44 9.68 -9.76
N THR A 169 5.29 9.43 -9.16
CA THR A 169 5.22 8.60 -7.94
C THR A 169 5.64 7.15 -8.23
N ARG A 170 5.23 6.63 -9.37
CA ARG A 170 5.60 5.30 -9.81
C ARG A 170 7.09 5.22 -10.03
N GLU A 171 7.61 6.15 -10.82
CA GLU A 171 9.02 6.29 -11.04
C GLU A 171 9.85 6.48 -9.76
N ALA A 172 9.40 7.30 -8.82
CA ALA A 172 10.11 7.41 -7.53
C ALA A 172 10.21 6.07 -6.83
N THR A 173 9.10 5.34 -6.81
CA THR A 173 9.01 4.05 -6.14
C THR A 173 9.98 3.06 -6.79
N MET A 174 10.01 2.99 -8.12
CA MET A 174 10.87 2.09 -8.85
C MET A 174 12.35 2.47 -8.71
N ARG A 175 12.64 3.75 -8.68
CA ARG A 175 14.00 4.20 -8.45
C ARG A 175 14.48 3.75 -7.09
N ALA A 176 13.65 3.92 -6.07
CA ALA A 176 13.97 3.54 -4.72
C ALA A 176 14.26 2.03 -4.63
N ILE A 177 13.38 1.23 -5.25
CA ILE A 177 13.55 -0.22 -5.29
C ILE A 177 14.89 -0.67 -5.93
N ASN A 178 15.26 -0.04 -7.04
CA ASN A 178 16.51 -0.35 -7.73
C ASN A 178 17.78 0.02 -6.92
N THR A 179 17.66 0.71 -5.77
CA THR A 179 18.82 1.00 -4.92
C THR A 179 18.96 -0.04 -3.83
N VAL A 180 17.93 -0.86 -3.63
CA VAL A 180 17.96 -1.87 -2.60
C VAL A 180 19.04 -2.94 -2.87
N LYS A 181 20.03 -3.02 -1.98
CA LYS A 181 21.00 -4.11 -1.95
C LYS A 181 21.65 -4.35 -0.57
N PRO A 182 22.11 -5.57 -0.32
CA PRO A 182 22.68 -5.84 1.00
C PRO A 182 23.90 -4.93 1.26
N GLY A 183 24.08 -4.46 2.51
CA GLY A 183 25.23 -3.64 2.91
C GLY A 183 25.10 -2.19 2.50
N ARG A 184 23.99 -1.85 1.89
CA ARG A 184 23.66 -0.46 1.66
C ARG A 184 22.69 0.01 2.74
N ALA A 185 22.84 1.26 3.14
CA ALA A 185 22.07 1.85 4.17
C ALA A 185 20.60 2.05 3.73
N LEU A 186 19.71 1.86 4.68
CA LEU A 186 18.26 1.87 4.45
C LEU A 186 17.77 3.27 4.13
N SER A 187 18.44 4.25 4.75
CA SER A 187 18.19 5.67 4.52
C SER A 187 18.34 6.11 3.07
N VAL A 188 19.03 5.30 2.24
CA VAL A 188 19.17 5.57 0.83
C VAL A 188 17.83 5.65 0.05
N ILE A 189 16.85 4.84 0.46
CA ILE A 189 15.55 4.78 -0.15
C ILE A 189 14.83 6.11 -0.08
N GLY A 190 14.72 6.67 1.12
CA GLY A 190 14.09 7.96 1.34
C GLY A 190 14.81 9.15 0.76
N ARG A 191 16.15 9.08 0.65
CA ARG A 191 16.96 10.09 -0.10
C ARG A 191 16.55 10.12 -1.55
N VAL A 192 16.49 8.95 -2.17
CA VAL A 192 16.17 8.83 -3.60
C VAL A 192 14.74 9.27 -3.87
N ILE A 193 13.80 8.83 -3.03
CA ILE A 193 12.43 9.22 -3.25
C ILE A 193 12.27 10.76 -3.17
N GLU A 194 12.85 11.35 -2.15
CA GLU A 194 12.62 12.75 -1.88
C GLU A 194 13.29 13.67 -2.89
N SER A 195 14.50 13.34 -3.34
CA SER A 195 15.18 14.12 -4.36
C SER A 195 14.33 14.15 -5.58
N TYR A 196 13.77 12.97 -5.91
CA TYR A 196 12.98 12.83 -7.12
C TYR A 196 11.69 13.65 -7.04
N ALA A 197 11.03 13.59 -5.88
CA ALA A 197 9.81 14.33 -5.69
C ALA A 197 10.07 15.82 -5.77
N ASN A 198 11.09 16.28 -5.05
CA ASN A 198 11.46 17.69 -4.99
C ASN A 198 11.82 18.23 -6.36
N ARG A 199 12.43 17.41 -7.19
CA ARG A 199 12.78 17.78 -8.56
C ARG A 199 11.55 18.38 -9.30
N PHE A 200 10.36 17.87 -8.98
CA PHE A 200 9.20 18.32 -9.71
C PHE A 200 8.30 19.10 -8.84
N GLY A 201 8.75 19.54 -7.67
CA GLY A 201 7.92 20.41 -6.81
C GLY A 201 6.96 19.70 -5.85
N TYR A 202 6.98 18.36 -5.83
CA TYR A 202 6.12 17.62 -4.91
C TYR A 202 6.69 17.51 -3.50
N ASN A 203 5.81 17.15 -2.55
CA ASN A 203 6.20 16.92 -1.18
C ASN A 203 5.86 15.47 -0.72
N VAL A 204 6.82 14.84 -0.06
CA VAL A 204 6.67 13.46 0.40
C VAL A 204 6.08 13.45 1.79
N VAL A 205 5.08 12.58 1.96
CA VAL A 205 4.42 12.40 3.23
C VAL A 205 5.45 11.74 4.15
N ARG A 206 5.62 12.32 5.35
CA ARG A 206 6.63 11.87 6.32
C ARG A 206 6.05 10.97 7.35
N ASP A 207 4.79 11.23 7.70
CA ASP A 207 4.13 10.58 8.84
C ASP A 207 3.76 9.16 8.60
N PHE A 208 3.53 8.76 7.35
CA PHE A 208 3.35 7.35 6.98
C PHE A 208 4.59 6.81 6.27
N THR A 209 4.94 5.57 6.60
CA THR A 209 6.18 4.95 6.19
C THR A 209 5.96 3.57 5.60
N GLY A 210 7.01 3.01 5.00
CA GLY A 210 7.04 1.57 4.67
C GLY A 210 7.29 0.74 5.90
N HIS A 211 7.20 -0.57 5.75
CA HIS A 211 7.35 -1.41 6.93
C HIS A 211 7.90 -2.77 6.59
N GLY A 212 8.59 -3.37 7.55
CA GLY A 212 8.92 -4.78 7.47
C GLY A 212 7.62 -5.54 7.49
N ILE A 213 7.68 -6.72 6.93
CA ILE A 213 6.49 -7.56 6.70
C ILE A 213 7.05 -8.95 6.48
N GLY A 214 6.32 -9.92 7.02
CA GLY A 214 6.81 -11.27 7.15
C GLY A 214 5.63 -12.09 7.63
N THR A 215 5.79 -12.78 8.75
CA THR A 215 4.66 -13.52 9.35
C THR A 215 3.70 -12.52 9.95
N THR A 216 4.16 -11.27 10.15
CA THR A 216 3.30 -10.15 10.59
C THR A 216 3.19 -9.02 9.56
N PHE A 217 2.17 -8.18 9.73
CA PHE A 217 1.73 -7.24 8.70
C PHE A 217 2.76 -6.07 8.67
N HIS A 218 3.00 -5.50 9.84
CA HIS A 218 3.93 -4.38 10.09
C HIS A 218 4.78 -4.82 11.27
N ASN A 219 5.93 -5.41 10.98
CA ASN A 219 6.72 -6.11 12.01
C ASN A 219 7.62 -5.26 12.92
N GLY A 220 7.58 -3.94 12.76
CA GLY A 220 8.40 -3.03 13.60
C GLY A 220 9.52 -2.33 12.81
N LEU A 221 10.03 -2.95 11.74
CA LEU A 221 10.92 -2.22 10.85
C LEU A 221 10.15 -1.10 10.14
N VAL A 222 10.79 0.07 10.00
CA VAL A 222 10.20 1.32 9.46
C VAL A 222 11.07 1.77 8.32
N VAL A 223 10.47 2.02 7.16
CA VAL A 223 11.17 2.54 6.00
C VAL A 223 10.61 3.92 5.71
N LEU A 224 11.44 4.93 5.97
CA LEU A 224 11.17 6.30 5.66
C LEU A 224 11.33 6.62 4.18
N HIS A 225 10.40 7.43 3.67
CA HIS A 225 10.31 7.76 2.28
C HIS A 225 10.89 9.16 2.02
N TYR A 226 11.43 9.77 3.06
CA TYR A 226 12.10 11.07 2.94
C TYR A 226 13.52 10.95 3.43
N ASP A 227 14.31 12.01 3.26
CA ASP A 227 15.72 11.98 3.66
C ASP A 227 15.96 12.11 5.17
N GLN A 228 16.49 11.04 5.72
CA GLN A 228 16.73 10.95 7.15
C GLN A 228 17.98 10.10 7.37
N PRO A 229 19.16 10.72 7.33
CA PRO A 229 20.38 9.91 7.41
C PRO A 229 20.74 9.51 8.86
N ALA A 230 20.01 9.96 9.87
CA ALA A 230 20.25 9.50 11.27
C ALA A 230 19.94 8.01 11.46
N VAL A 231 19.08 7.45 10.60
CA VAL A 231 18.82 6.02 10.57
C VAL A 231 20.04 5.24 10.15
N GLU A 232 20.48 4.33 11.01
CA GLU A 232 21.73 3.54 10.79
C GLU A 232 21.52 2.12 10.23
N THR A 233 20.28 1.64 10.21
CA THR A 233 19.93 0.35 9.62
C THR A 233 20.59 0.07 8.27
N ILE A 234 21.25 -1.08 8.19
CA ILE A 234 21.93 -1.51 6.98
C ILE A 234 21.12 -2.68 6.44
N MET A 235 20.82 -2.65 5.14
CA MET A 235 20.06 -3.75 4.54
C MET A 235 20.85 -5.08 4.57
N GLN A 236 20.18 -6.19 4.91
CA GLN A 236 20.82 -7.52 5.00
C GLN A 236 20.02 -8.48 4.14
N PRO A 237 20.70 -9.50 3.54
CA PRO A 237 20.06 -10.52 2.75
C PRO A 237 18.91 -11.12 3.55
N GLY A 238 17.78 -11.38 2.91
CA GLY A 238 16.61 -12.00 3.62
C GLY A 238 15.69 -10.99 4.37
N MET A 239 16.10 -9.72 4.46
CA MET A 239 15.18 -8.68 4.93
C MET A 239 14.04 -8.49 3.93
N THR A 240 12.81 -8.38 4.46
CA THR A 240 11.63 -8.13 3.66
C THR A 240 10.93 -6.87 4.18
N PHE A 241 10.70 -5.90 3.30
CA PHE A 241 9.96 -4.70 3.66
C PHE A 241 9.21 -4.10 2.45
N THR A 242 8.26 -3.20 2.75
CA THR A 242 7.65 -2.37 1.73
C THR A 242 8.34 -1.00 1.49
N ILE A 243 8.17 -0.52 0.27
CA ILE A 243 8.47 0.86 -0.12
C ILE A 243 7.15 1.35 -0.70
N GLU A 244 6.57 2.35 -0.04
CA GLU A 244 5.22 2.78 -0.35
C GLU A 244 4.99 4.29 -0.27
N PRO A 245 5.71 5.07 -1.11
CA PRO A 245 5.70 6.52 -0.91
C PRO A 245 4.38 7.17 -1.33
N MET A 246 3.91 8.07 -0.45
CA MET A 246 2.79 8.97 -0.68
C MET A 246 3.38 10.32 -1.04
N ILE A 247 3.02 10.80 -2.21
CA ILE A 247 3.59 12.05 -2.76
C ILE A 247 2.42 13.03 -3.05
N ASN A 248 2.51 14.22 -2.42
N ASN A 248 2.40 14.19 -2.38
CA ASN A 248 1.48 15.26 -2.47
CA ASN A 248 1.29 15.16 -2.53
C ASN A 248 1.80 16.38 -3.47
C ASN A 248 1.69 16.43 -3.28
N LEU A 249 0.77 16.88 -4.15
CA LEU A 249 0.92 18.11 -4.95
C LEU A 249 0.95 19.31 -4.07
N GLY A 250 0.24 19.32 -2.97
CA GLY A 250 0.28 20.45 -2.09
C GLY A 250 0.96 20.22 -0.77
N ALA A 251 0.39 20.82 0.26
CA ALA A 251 1.02 20.84 1.56
C ALA A 251 0.81 19.50 2.27
N LEU A 252 1.72 19.22 3.19
CA LEU A 252 1.70 17.96 3.91
C LEU A 252 0.64 17.85 5.04
N ASP A 253 0.12 18.97 5.52
CA ASP A 253 -0.86 18.91 6.60
C ASP A 253 -2.05 18.07 6.15
N TYR A 254 -2.57 17.26 7.07
CA TYR A 254 -3.72 16.37 6.82
C TYR A 254 -4.72 16.33 7.96
N GLU A 255 -5.89 15.78 7.68
CA GLU A 255 -6.88 15.45 8.69
C GLU A 255 -7.28 13.97 8.54
N ILE A 256 -7.82 13.38 9.60
CA ILE A 256 -8.38 12.02 9.55
C ILE A 256 -9.90 12.05 9.74
N TRP A 257 -10.66 11.33 8.92
CA TRP A 257 -12.12 11.27 9.13
C TRP A 257 -12.48 10.65 10.48
N ASP A 258 -13.73 10.79 10.90
CA ASP A 258 -14.17 10.22 12.19
C ASP A 258 -14.21 8.70 12.12
N ASP A 259 -14.36 8.14 10.92
CA ASP A 259 -14.15 6.68 10.74
C ASP A 259 -12.76 6.28 11.25
N GLY A 260 -11.90 7.27 11.48
CA GLY A 260 -10.61 7.02 12.13
C GLY A 260 -9.56 6.41 11.21
N TRP A 261 -9.85 6.29 9.93
CA TRP A 261 -8.89 5.67 9.04
C TRP A 261 -8.51 6.60 7.87
N THR A 262 -9.49 7.32 7.35
CA THR A 262 -9.30 8.08 6.10
C THR A 262 -8.47 9.36 6.29
N VAL A 263 -7.24 9.38 5.73
CA VAL A 263 -6.38 10.55 5.77
C VAL A 263 -6.51 11.43 4.50
N VAL A 264 -6.84 12.71 4.70
CA VAL A 264 -7.09 13.60 3.60
C VAL A 264 -6.22 14.86 3.75
N THR A 265 -5.70 15.32 2.61
CA THR A 265 -4.90 16.55 2.61
C THR A 265 -5.76 17.72 3.04
N LYS A 266 -5.25 18.52 3.98
CA LYS A 266 -5.97 19.70 4.47
C LYS A 266 -6.33 20.63 3.31
N ASP A 267 -5.37 20.94 2.43
CA ASP A 267 -5.63 21.80 1.25
C ASP A 267 -6.46 21.14 0.14
N ARG A 268 -6.80 19.85 0.30
CA ARG A 268 -7.62 19.11 -0.67
C ARG A 268 -6.98 18.91 -2.04
N LYS A 269 -5.71 19.27 -2.18
CA LYS A 269 -4.97 18.86 -3.35
C LYS A 269 -4.65 17.34 -3.29
N TRP A 270 -4.61 16.78 -4.48
CA TRP A 270 -4.52 15.35 -4.68
C TRP A 270 -3.09 14.85 -4.41
N THR A 271 -3.03 13.53 -4.27
CA THR A 271 -1.90 12.85 -3.71
C THR A 271 -1.92 11.44 -4.27
N ALA A 272 -0.72 10.87 -4.42
CA ALA A 272 -0.62 9.53 -5.03
C ALA A 272 0.42 8.66 -4.36
N GLN A 273 0.31 7.35 -4.62
CA GLN A 273 1.08 6.31 -3.96
C GLN A 273 1.22 5.01 -4.78
N PHE A 274 2.37 4.40 -4.65
CA PHE A 274 2.61 3.08 -5.12
C PHE A 274 3.36 2.29 -4.05
N GLU A 275 3.19 0.97 -4.07
CA GLU A 275 3.80 0.09 -3.15
C GLU A 275 4.17 -1.27 -3.76
N HIS A 276 5.39 -1.73 -3.42
CA HIS A 276 5.73 -3.16 -3.53
C HIS A 276 6.21 -3.74 -2.23
N THR A 277 6.19 -5.10 -2.16
CA THR A 277 6.92 -5.88 -1.18
C THR A 277 8.27 -6.39 -1.78
N LEU A 278 9.34 -6.03 -1.09
CA LEU A 278 10.71 -6.23 -1.51
C LEU A 278 11.44 -7.24 -0.65
N LEU A 279 12.26 -8.07 -1.28
N LEU A 279 12.36 -7.97 -1.28
CA LEU A 279 13.24 -8.93 -0.58
CA LEU A 279 13.20 -8.95 -0.61
C LEU A 279 14.64 -8.38 -0.84
C LEU A 279 14.68 -8.57 -0.85
N VAL A 280 15.45 -8.25 0.21
CA VAL A 280 16.88 -8.03 0.01
C VAL A 280 17.55 -9.38 -0.29
N THR A 281 18.15 -9.51 -1.48
CA THR A 281 18.81 -10.77 -1.89
C THR A 281 20.28 -10.76 -1.43
N ASP A 282 21.05 -11.77 -1.77
CA ASP A 282 22.49 -11.76 -1.42
C ASP A 282 23.26 -10.70 -2.21
N THR A 283 22.78 -10.29 -3.37
CA THR A 283 23.42 -9.24 -4.14
C THR A 283 22.57 -8.04 -4.51
N GLY A 284 21.27 -8.08 -4.20
CA GLY A 284 20.37 -7.04 -4.69
C GLY A 284 18.96 -7.10 -4.15
N VAL A 285 18.00 -7.11 -5.05
CA VAL A 285 16.61 -6.99 -4.69
C VAL A 285 15.74 -7.91 -5.54
N GLU A 286 14.68 -8.40 -4.93
CA GLU A 286 13.66 -9.05 -5.71
C GLU A 286 12.31 -8.50 -5.30
N ILE A 287 11.50 -8.20 -6.30
CA ILE A 287 10.15 -7.68 -6.04
C ILE A 287 9.24 -8.85 -5.88
N LEU A 288 8.64 -8.99 -4.72
CA LEU A 288 7.83 -10.14 -4.42
C LEU A 288 6.39 -9.97 -4.89
N THR A 289 5.96 -8.71 -5.11
CA THR A 289 4.58 -8.46 -5.57
C THR A 289 4.51 -8.12 -7.06
N SCH A 290 5.00 -9.03 -7.89
CA SCH A 290 4.68 -9.06 -9.33
CB SCH A 290 5.95 -9.08 -10.18
SG SCH A 290 7.04 -7.77 -9.75
SD SCH A 290 7.29 -6.55 -11.36
CE SCH A 290 6.38 -5.05 -11.18
C SCH A 290 3.80 -10.27 -9.67
O SCH A 290 3.84 -11.30 -8.97
N LEU A 291 3.01 -10.11 -10.73
CA LEU A 291 2.16 -11.17 -11.31
C LEU A 291 3.01 -12.32 -11.83
CO CO B . 2.43 -1.47 3.28
CO CO C . -0.32 -1.70 1.50
C1 HCM D . -5.86 -0.51 7.01
S2 HCM D . -4.63 -1.80 6.85
SD HCM D . -2.89 -0.88 7.26
CG HCM D . -2.35 -0.03 5.73
CB HCM D . -2.74 -0.89 4.53
CA HCM D . -1.58 -1.29 3.60
C HCM D . -0.15 -1.07 4.10
OXT HCM D . 0.66 -0.78 3.18
O HCM D . 0.14 -1.21 5.32
N HCM D . -1.80 -2.62 3.02
#